data_4HVA
#
_entry.id   4HVA
#
_cell.length_a   55.988
_cell.length_b   62.647
_cell.length_c   76.298
_cell.angle_alpha   90.000
_cell.angle_beta   104.790
_cell.angle_gamma   90.000
#
_symmetry.space_group_name_H-M   'P 1 21 1'
#
loop_
_entity.id
_entity.type
_entity.pdbx_description
1 polymer Caspase-6
2 polymer 'VEID Inhibitor'
3 non-polymer N-[(2R)-1-(3-cyanophenyl)-3-hydroxypropan-2-yl]-5-(3,4-dimethoxyphenyl)furan-3-carboxamide
4 water water
#
loop_
_entity_poly.entity_id
_entity_poly.type
_entity_poly.pdbx_seq_one_letter_code
_entity_poly.pdbx_strand_id
1 'polypeptide(L)'
;AFYKREMFDPAEKYKMDHRRRGIALIFNHERFFWHLTLPERRGTCADRDNLTRRFSDLGFEVKCFNDLKAEELLLKIHEV
STVSHADADCFVCVFLSHGEGNHIYAYDAKIEIQTLTGLFKGDKCHSLVGKPKIFIIQACRGNQHDVPVIPLDVVDAASV
YTLPAGADFLMCYSVAEGYYSHRETVNGSWYIQDLCEMLGKYGSSLEFTELLTLVNRKVSQRRVDFCKDPSAIGKKQVPC
FASMLTKKLHFFPKSNGNSHHHHHH
;
A,B
2 'polypeptide(L)' (PHQ)VEI(4H0) C,D
#
# COMPACT_ATOMS: atom_id res chain seq x y z
N PHE A 8 20.37 9.14 12.64
CA PHE A 8 19.18 8.83 11.85
C PHE A 8 18.89 9.99 10.89
N ASP A 9 18.75 9.68 9.61
CA ASP A 9 18.77 10.73 8.58
C ASP A 9 17.47 10.73 7.77
N PRO A 10 16.59 11.70 8.05
CA PRO A 10 15.27 11.77 7.39
C PRO A 10 15.33 11.87 5.85
N ALA A 11 16.44 12.31 5.29
CA ALA A 11 16.55 12.46 3.84
C ALA A 11 17.20 11.25 3.16
N GLU A 12 17.42 10.18 3.90
CA GLU A 12 18.24 9.10 3.35
C GLU A 12 17.64 8.48 2.13
N LYS A 13 18.48 8.18 1.14
CA LYS A 13 18.02 7.68 -0.12
C LYS A 13 18.63 6.30 -0.28
N TYR A 14 17.99 5.46 -1.10
CA TYR A 14 18.65 4.20 -1.55
C TYR A 14 19.92 4.54 -2.38
N LYS A 15 20.99 3.75 -2.25
CA LYS A 15 22.21 3.94 -3.05
C LYS A 15 21.91 3.43 -4.46
N MET A 16 21.92 4.35 -5.42
CA MET A 16 21.51 4.01 -6.79
C MET A 16 22.69 4.31 -7.70
N ASP A 17 23.88 3.99 -7.22
CA ASP A 17 25.10 4.27 -7.93
C ASP A 17 25.83 2.96 -8.25
N HIS A 18 25.10 1.90 -8.46
CA HIS A 18 25.73 0.68 -8.99
C HIS A 18 26.03 0.76 -10.49
N ARG A 19 26.82 -0.19 -10.99
CA ARG A 19 27.18 -0.22 -12.39
C ARG A 19 25.95 -0.33 -13.31
N ARG A 20 24.92 -1.03 -12.87
CA ARG A 20 23.72 -1.15 -13.70
C ARG A 20 22.51 -0.69 -12.90
N ARG A 21 21.53 -0.12 -13.59
CA ARG A 21 20.24 0.19 -12.96
C ARG A 21 19.59 -1.13 -12.53
N GLY A 22 19.62 -2.13 -13.40
CA GLY A 22 18.92 -3.37 -13.11
C GLY A 22 17.99 -3.81 -14.21
N ILE A 23 17.39 -4.97 -13.98
CA ILE A 23 16.45 -5.54 -14.92
C ILE A 23 15.00 -5.05 -14.69
N ALA A 24 14.27 -4.80 -15.77
CA ALA A 24 12.83 -4.64 -15.70
C ALA A 24 12.16 -5.75 -16.52
N LEU A 25 11.51 -6.72 -15.86
CA LEU A 25 10.80 -7.78 -16.55
C LEU A 25 9.37 -7.30 -16.87
N ILE A 26 8.91 -7.48 -18.11
CA ILE A 26 7.52 -7.23 -18.46
C ILE A 26 6.85 -8.50 -18.96
N PHE A 27 5.81 -8.94 -18.25
CA PHE A 27 4.96 -10.05 -18.70
C PHE A 27 3.66 -9.53 -19.32
N ASN A 28 3.56 -9.71 -20.63
CA ASN A 28 2.54 -9.10 -21.43
C ASN A 28 1.56 -10.17 -21.90
N HIS A 29 0.30 -10.09 -21.48
CA HIS A 29 -0.73 -11.08 -21.82
C HIS A 29 -1.87 -10.55 -22.64
N GLU A 30 -1.92 -11.02 -23.90
CA GLU A 30 -2.83 -10.46 -24.89
C GLU A 30 -4.04 -11.36 -25.05
N ARG A 31 -3.81 -12.67 -25.01
CA ARG A 31 -4.89 -13.64 -25.22
C ARG A 31 -4.70 -14.87 -24.37
N PHE A 32 -5.72 -15.73 -24.29
CA PHE A 32 -5.70 -16.78 -23.29
C PHE A 32 -6.26 -18.11 -23.75
N PHE A 33 -5.89 -19.19 -23.14
CA PHE A 33 -6.42 -20.45 -23.51
C PHE A 33 -7.92 -20.36 -23.45
N TRP A 34 -8.58 -20.94 -24.45
CA TRP A 34 -10.01 -20.78 -24.64
C TRP A 34 -10.83 -21.23 -23.44
N HIS A 35 -10.38 -22.27 -22.75
CA HIS A 35 -11.12 -22.79 -21.60
C HIS A 35 -11.26 -21.80 -20.46
N LEU A 36 -10.34 -20.86 -20.37
CA LEU A 36 -10.43 -19.82 -19.38
C LEU A 36 -11.61 -18.90 -19.64
N THR A 37 -12.10 -18.84 -20.88
CA THR A 37 -13.10 -17.87 -21.31
C THR A 37 -12.80 -16.41 -20.85
N LEU A 38 -11.59 -15.95 -21.17
CA LEU A 38 -11.20 -14.56 -20.97
C LEU A 38 -11.05 -13.87 -22.35
N PRO A 39 -11.52 -12.61 -22.46
CA PRO A 39 -11.42 -11.89 -23.72
C PRO A 39 -9.98 -11.44 -24.01
N GLU A 40 -9.68 -11.18 -25.28
CA GLU A 40 -8.40 -10.59 -25.67
C GLU A 40 -8.17 -9.21 -25.07
N ARG A 41 -6.90 -8.87 -24.82
CA ARG A 41 -6.59 -7.59 -24.15
C ARG A 41 -6.01 -6.55 -25.14
N ARG A 42 -6.83 -6.15 -26.12
CA ARG A 42 -6.42 -5.17 -27.10
C ARG A 42 -5.99 -3.90 -26.36
N GLY A 43 -4.92 -3.28 -26.86
CA GLY A 43 -4.36 -2.15 -26.16
C GLY A 43 -3.15 -2.46 -25.26
N THR A 44 -2.93 -3.74 -24.96
CA THR A 44 -1.85 -4.11 -24.06
C THR A 44 -0.50 -3.95 -24.71
N CYS A 45 -0.43 -4.12 -26.03
CA CYS A 45 0.86 -3.90 -26.74
C CYS A 45 1.36 -2.46 -26.67
N ALA A 46 0.43 -1.51 -26.76
CA ALA A 46 0.70 -0.10 -26.50
C ALA A 46 1.33 0.09 -25.13
N ASP A 47 0.71 -0.54 -24.12
CA ASP A 47 1.20 -0.48 -22.73
C ASP A 47 2.62 -1.05 -22.65
N ARG A 48 2.83 -2.26 -23.16
CA ARG A 48 4.16 -2.86 -23.16
C ARG A 48 5.19 -1.98 -23.86
N ASP A 49 4.87 -1.48 -25.04
CA ASP A 49 5.86 -0.66 -25.75
C ASP A 49 6.23 0.63 -25.01
N ASN A 50 5.21 1.26 -24.44
CA ASN A 50 5.34 2.49 -23.68
C ASN A 50 6.28 2.32 -22.43
N LEU A 51 6.02 1.28 -21.66
CA LEU A 51 6.85 0.87 -20.54
C LEU A 51 8.29 0.56 -20.96
N THR A 52 8.43 -0.18 -22.05
CA THR A 52 9.76 -0.51 -22.59
C THR A 52 10.54 0.78 -22.84
N ARG A 53 9.92 1.73 -23.50
CA ARG A 53 10.54 3.00 -23.71
C ARG A 53 10.88 3.83 -22.47
N ARG A 54 9.95 3.99 -21.55
CA ARG A 54 10.19 4.77 -20.30
C ARG A 54 11.22 4.10 -19.39
N PHE A 55 11.05 2.82 -19.16
CA PHE A 55 12.02 2.07 -18.39
C PHE A 55 13.44 2.02 -18.99
N SER A 56 13.56 1.82 -20.30
CA SER A 56 14.87 1.92 -20.95
C SER A 56 15.51 3.27 -20.74
N ASP A 57 14.71 4.32 -20.85
CA ASP A 57 15.20 5.70 -20.68
C ASP A 57 15.72 5.95 -19.27
N LEU A 58 15.27 5.14 -18.31
CA LEU A 58 15.72 5.28 -16.94
C LEU A 58 16.88 4.33 -16.60
N GLY A 59 17.43 3.65 -17.60
CA GLY A 59 18.64 2.86 -17.42
C GLY A 59 18.40 1.38 -17.31
N PHE A 60 17.12 0.95 -17.25
CA PHE A 60 16.80 -0.47 -17.06
C PHE A 60 17.10 -1.35 -18.27
N GLU A 61 17.44 -2.59 -17.98
CA GLU A 61 17.57 -3.57 -19.05
C GLU A 61 16.21 -4.25 -19.12
N VAL A 62 15.43 -3.90 -20.13
CA VAL A 62 14.04 -4.38 -20.22
C VAL A 62 13.92 -5.74 -20.93
N LYS A 63 13.30 -6.72 -20.29
CA LYS A 63 13.04 -8.02 -20.94
C LYS A 63 11.54 -8.28 -20.98
N CYS A 64 10.94 -8.39 -22.19
CA CYS A 64 9.51 -8.68 -22.30
C CYS A 64 9.27 -10.11 -22.71
N PHE A 65 8.21 -10.67 -22.13
CA PHE A 65 7.66 -11.98 -22.51
C PHE A 65 6.17 -11.88 -22.72
N ASN A 66 5.73 -12.42 -23.85
CA ASN A 66 4.35 -12.30 -24.28
C ASN A 66 3.63 -13.64 -24.16
N ASP A 67 2.52 -13.66 -23.45
CA ASP A 67 1.65 -14.83 -23.38
C ASP A 67 2.36 -16.11 -22.96
N LEU A 68 3.27 -16.05 -22.01
CA LEU A 68 3.77 -17.29 -21.43
C LEU A 68 2.66 -18.06 -20.68
N LYS A 69 2.75 -19.38 -20.76
CA LYS A 69 2.03 -20.29 -19.86
C LYS A 69 2.58 -20.18 -18.43
N ALA A 70 1.79 -20.61 -17.45
CA ALA A 70 2.17 -20.35 -16.07
C ALA A 70 3.52 -21.03 -15.76
N GLU A 71 3.70 -22.24 -16.22
CA GLU A 71 4.93 -22.96 -15.90
C GLU A 71 6.16 -22.24 -16.49
N GLU A 72 6.05 -21.77 -17.73
CA GLU A 72 7.18 -21.07 -18.32
C GLU A 72 7.42 -19.69 -17.67
N LEU A 73 6.37 -19.00 -17.27
CA LEU A 73 6.54 -17.73 -16.59
C LEU A 73 7.27 -17.89 -15.28
N LEU A 74 6.88 -18.91 -14.53
CA LEU A 74 7.44 -19.15 -13.21
C LEU A 74 8.90 -19.53 -13.35
N LEU A 75 9.19 -20.25 -14.42
CA LEU A 75 10.53 -20.67 -14.71
C LEU A 75 11.33 -19.41 -15.01
N LYS A 76 10.74 -18.51 -15.78
CA LYS A 76 11.52 -17.36 -16.17
C LYS A 76 11.82 -16.52 -14.96
N ILE A 77 10.81 -16.32 -14.14
CA ILE A 77 10.95 -15.46 -13.00
C ILE A 77 11.90 -16.07 -11.94
N HIS A 78 11.82 -17.39 -11.80
CA HIS A 78 12.76 -18.12 -10.97
C HIS A 78 14.22 -17.93 -11.47
N GLU A 79 14.43 -18.03 -12.77
CA GLU A 79 15.75 -17.69 -13.31
C GLU A 79 16.27 -16.34 -12.91
N VAL A 80 15.48 -15.30 -13.14
CA VAL A 80 15.85 -13.95 -12.75
C VAL A 80 16.17 -13.85 -11.26
N SER A 81 15.38 -14.49 -10.41
CA SER A 81 15.60 -14.29 -8.98
C SER A 81 16.88 -14.98 -8.52
N THR A 82 17.48 -15.81 -9.36
CA THR A 82 18.66 -16.56 -8.91
C THR A 82 19.94 -16.10 -9.58
N VAL A 83 19.85 -15.21 -10.56
CA VAL A 83 21.05 -14.59 -11.11
C VAL A 83 21.51 -13.43 -10.21
N SER A 84 22.80 -13.09 -10.21
CA SER A 84 23.25 -12.08 -9.25
C SER A 84 22.74 -10.70 -9.66
N HIS A 85 22.30 -9.95 -8.67
CA HIS A 85 21.93 -8.55 -8.89
C HIS A 85 22.90 -7.70 -8.07
N ALA A 86 24.07 -8.24 -7.78
CA ALA A 86 25.04 -7.53 -6.92
C ALA A 86 25.48 -6.23 -7.57
N ASP A 87 25.45 -6.24 -8.90
CA ASP A 87 25.87 -5.15 -9.77
C ASP A 87 24.76 -4.09 -10.04
N ALA A 88 23.57 -4.29 -9.47
CA ALA A 88 22.41 -3.48 -9.88
C ALA A 88 21.80 -2.65 -8.74
N ASP A 89 21.14 -1.56 -9.09
CA ASP A 89 20.49 -0.70 -8.10
C ASP A 89 19.21 -1.35 -7.56
N CYS A 90 18.48 -2.03 -8.43
CA CYS A 90 17.11 -2.42 -8.09
C CYS A 90 16.53 -3.40 -9.12
N PHE A 91 15.32 -3.87 -8.87
CA PHE A 91 14.65 -4.80 -9.76
C PHE A 91 13.20 -4.36 -10.03
N VAL A 92 12.71 -4.54 -11.26
CA VAL A 92 11.32 -4.16 -11.58
C VAL A 92 10.67 -5.31 -12.28
N CYS A 93 9.43 -5.59 -11.92
CA CYS A 93 8.72 -6.69 -12.54
C CYS A 93 7.30 -6.19 -12.87
N VAL A 94 6.90 -6.21 -14.14
CA VAL A 94 5.58 -5.72 -14.53
C VAL A 94 4.70 -6.81 -15.11
N PHE A 95 3.42 -6.84 -14.71
CA PHE A 95 2.45 -7.81 -15.19
C PHE A 95 1.28 -7.10 -15.83
N LEU A 96 1.00 -7.41 -17.08
CA LEU A 96 -0.14 -6.82 -17.78
C LEU A 96 -1.11 -7.96 -18.14
N SER A 97 -2.20 -8.14 -17.39
CA SER A 97 -3.05 -9.28 -17.64
C SER A 97 -4.42 -9.06 -17.07
N HIS A 98 -5.24 -10.07 -17.21
CA HIS A 98 -6.49 -10.13 -16.45
C HIS A 98 -6.18 -10.56 -15.04
N GLY A 99 -7.07 -10.25 -14.11
CA GLY A 99 -6.87 -10.71 -12.75
C GLY A 99 -8.12 -10.61 -11.92
N GLU A 100 -8.04 -11.21 -10.73
CA GLU A 100 -9.12 -11.13 -9.73
C GLU A 100 -8.54 -11.45 -8.41
N GLY A 101 -9.20 -11.03 -7.35
CA GLY A 101 -8.73 -11.37 -6.02
C GLY A 101 -7.28 -10.95 -5.83
N ASN A 102 -6.42 -11.90 -5.50
CA ASN A 102 -4.98 -11.66 -5.40
C ASN A 102 -4.17 -12.47 -6.44
N HIS A 103 -4.73 -12.67 -7.63
CA HIS A 103 -4.03 -13.45 -8.64
C HIS A 103 -4.09 -12.73 -9.97
N ILE A 104 -3.14 -13.05 -10.84
CA ILE A 104 -3.20 -12.65 -12.26
C ILE A 104 -3.27 -13.91 -13.13
N TYR A 105 -3.60 -13.76 -14.41
CA TYR A 105 -3.58 -14.89 -15.34
C TYR A 105 -2.36 -14.92 -16.25
N ALA A 106 -1.72 -16.09 -16.32
CA ALA A 106 -0.78 -16.42 -17.38
C ALA A 106 -1.69 -16.95 -18.51
N TYR A 107 -1.10 -17.46 -19.60
CA TYR A 107 -1.89 -17.98 -20.74
C TYR A 107 -2.97 -19.05 -20.39
N ASP A 108 -2.63 -19.95 -19.48
CA ASP A 108 -3.38 -21.17 -19.26
C ASP A 108 -3.86 -21.33 -17.81
N ALA A 109 -3.42 -20.47 -16.89
CA ALA A 109 -3.79 -20.63 -15.48
C ALA A 109 -3.52 -19.38 -14.69
N LYS A 110 -4.19 -19.23 -13.54
CA LYS A 110 -3.93 -18.09 -12.67
C LYS A 110 -2.70 -18.40 -11.83
N ILE A 111 -2.07 -17.33 -11.35
CA ILE A 111 -0.94 -17.42 -10.42
C ILE A 111 -1.18 -16.41 -9.29
N GLU A 112 -1.01 -16.84 -8.05
CA GLU A 112 -1.12 -15.92 -6.92
C GLU A 112 0.00 -14.89 -6.96
N ILE A 113 -0.34 -13.62 -6.77
CA ILE A 113 0.74 -12.63 -6.75
C ILE A 113 1.88 -12.94 -5.75
N GLN A 114 1.50 -13.47 -4.62
CA GLN A 114 2.38 -13.82 -3.56
C GLN A 114 3.45 -14.79 -4.08
N THR A 115 3.10 -15.65 -5.00
CA THR A 115 3.99 -16.69 -5.53
C THR A 115 5.16 -16.05 -6.29
N LEU A 116 4.82 -14.97 -6.96
CA LEU A 116 5.75 -14.19 -7.73
C LEU A 116 6.67 -13.37 -6.84
N THR A 117 6.11 -12.64 -5.85
CA THR A 117 6.95 -11.78 -5.01
C THR A 117 7.84 -12.60 -4.05
N GLY A 118 7.32 -13.71 -3.55
CA GLY A 118 8.06 -14.55 -2.61
C GLY A 118 9.48 -14.90 -3.02
N LEU A 119 9.72 -14.97 -4.34
CA LEU A 119 11.02 -15.45 -4.86
C LEU A 119 12.09 -14.40 -4.65
N PHE A 120 11.66 -13.19 -4.30
CA PHE A 120 12.57 -12.06 -4.20
C PHE A 120 12.79 -11.59 -2.77
N LYS A 121 12.19 -12.31 -1.85
CA LYS A 121 12.38 -12.03 -0.45
C LYS A 121 13.84 -12.23 -0.12
N GLY A 122 14.26 -11.54 0.94
CA GLY A 122 15.64 -11.42 1.34
C GLY A 122 16.35 -12.77 1.51
N ASP A 123 15.67 -13.73 2.11
CA ASP A 123 16.27 -15.03 2.36
C ASP A 123 16.31 -15.91 1.10
N LYS A 124 15.58 -15.52 0.04
CA LYS A 124 15.59 -16.27 -1.21
C LYS A 124 16.44 -15.59 -2.26
N CYS A 125 16.56 -14.28 -2.17
CA CYS A 125 17.29 -13.52 -3.18
C CYS A 125 18.26 -12.56 -2.52
N HIS A 126 19.42 -13.07 -2.14
CA HIS A 126 20.38 -12.33 -1.37
C HIS A 126 20.94 -11.07 -2.04
N SER A 127 21.24 -11.11 -3.33
CA SER A 127 21.89 -9.97 -3.98
C SER A 127 20.91 -8.82 -4.14
N LEU A 128 19.64 -9.02 -3.80
CA LEU A 128 18.69 -7.84 -3.80
C LEU A 128 18.39 -7.31 -2.35
N VAL A 129 19.03 -7.90 -1.34
CA VAL A 129 18.76 -7.46 0.05
C VAL A 129 19.19 -5.99 0.21
N GLY A 130 18.32 -5.13 0.71
CA GLY A 130 18.67 -3.72 0.82
C GLY A 130 18.33 -2.90 -0.41
N LYS A 131 17.88 -3.55 -1.47
CA LYS A 131 17.51 -2.85 -2.70
C LYS A 131 16.00 -2.89 -2.98
N PRO A 132 15.49 -1.84 -3.61
CA PRO A 132 14.06 -1.78 -3.96
C PRO A 132 13.65 -2.90 -4.95
N LYS A 133 12.56 -3.58 -4.62
CA LYS A 133 11.99 -4.63 -5.45
C LYS A 133 10.56 -4.14 -5.81
N ILE A 134 10.37 -3.76 -7.07
CA ILE A 134 9.19 -3.01 -7.50
C ILE A 134 8.36 -3.83 -8.43
N PHE A 135 7.09 -4.09 -8.03
CA PHE A 135 6.15 -4.84 -8.87
C PHE A 135 5.03 -3.90 -9.29
N ILE A 136 4.70 -3.94 -10.58
CA ILE A 136 3.65 -3.09 -11.18
C ILE A 136 2.65 -4.03 -11.83
N ILE A 137 1.42 -3.97 -11.35
CA ILE A 137 0.41 -4.87 -11.80
C ILE A 137 -0.81 -4.15 -12.39
N GLN A 138 -1.02 -4.34 -13.70
CA GLN A 138 -2.23 -3.87 -14.41
C GLN A 138 -3.13 -5.11 -14.60
N ALA A 139 -4.21 -5.17 -13.83
CA ALA A 139 -5.16 -6.28 -13.76
C ALA A 139 -6.33 -5.83 -12.90
N CYS A 140 -7.51 -6.41 -13.07
CA CYS A 140 -8.58 -6.19 -12.11
C CYS A 140 -8.23 -6.83 -10.77
N ARG A 141 -8.82 -6.29 -9.74
CA ARG A 141 -8.65 -6.81 -8.43
C ARG A 141 -9.94 -7.24 -7.76
N GLY A 142 -10.96 -7.52 -8.54
CA GLY A 142 -12.30 -7.77 -8.01
C GLY A 142 -13.36 -7.32 -8.99
N ASN A 143 -14.62 -7.32 -8.59
CA ASN A 143 -15.69 -7.10 -9.54
C ASN A 143 -16.57 -5.87 -9.24
N GLN A 144 -16.13 -5.00 -8.33
CA GLN A 144 -16.82 -3.74 -8.06
C GLN A 144 -16.35 -2.72 -9.10
N HIS A 145 -17.25 -1.84 -9.51
CA HIS A 145 -16.94 -0.79 -10.46
C HIS A 145 -17.12 0.51 -9.68
N ASP A 146 -16.03 1.25 -9.48
CA ASP A 146 -16.03 2.36 -8.57
C ASP A 146 -16.91 3.46 -9.14
N VAL A 147 -17.55 4.25 -8.27
CA VAL A 147 -18.52 5.25 -8.74
C VAL A 147 -18.01 6.67 -8.59
N PRO A 148 -18.50 7.61 -9.44
CA PRO A 148 -18.06 9.00 -9.27
C PRO A 148 -18.76 9.75 -8.11
N VAL A 149 -18.01 10.61 -7.43
CA VAL A 149 -18.58 11.53 -6.46
C VAL A 149 -18.00 12.95 -6.70
N ILE A 150 -18.77 13.96 -6.31
CA ILE A 150 -18.38 15.36 -6.51
C ILE A 150 -17.84 15.94 -5.21
N PRO A 151 -16.64 16.56 -5.26
CA PRO A 151 -16.05 17.19 -4.06
C PRO A 151 -16.87 18.41 -3.60
N TYR A 161 22.67 -3.55 12.21
CA TYR A 161 21.27 -4.01 12.09
C TYR A 161 21.05 -5.09 11.03
N THR A 162 20.09 -5.98 11.28
CA THR A 162 19.65 -6.88 10.24
C THR A 162 18.42 -6.23 9.63
N LEU A 163 18.02 -6.74 8.48
CA LEU A 163 16.81 -6.31 7.81
C LEU A 163 15.80 -7.45 7.81
N PRO A 164 14.51 -7.11 7.88
CA PRO A 164 13.45 -8.11 7.63
C PRO A 164 13.53 -8.65 6.20
N ALA A 165 13.27 -9.94 6.00
CA ALA A 165 13.28 -10.50 4.63
C ALA A 165 12.17 -9.91 3.76
N GLY A 166 11.14 -9.33 4.40
CA GLY A 166 10.01 -8.72 3.65
C GLY A 166 10.21 -7.25 3.27
N ALA A 167 11.31 -6.65 3.72
CA ALA A 167 11.50 -5.21 3.52
C ALA A 167 11.87 -4.85 2.11
N ASP A 168 11.61 -3.59 1.76
CA ASP A 168 12.12 -2.95 0.56
C ASP A 168 11.33 -3.38 -0.70
N PHE A 169 10.07 -3.85 -0.52
CA PHE A 169 9.19 -4.14 -1.65
C PHE A 169 8.29 -2.92 -1.85
N LEU A 170 7.96 -2.64 -3.09
CA LEU A 170 6.97 -1.66 -3.43
C LEU A 170 6.02 -2.29 -4.41
N MET A 171 4.76 -2.38 -4.04
CA MET A 171 3.74 -3.00 -4.89
C MET A 171 2.88 -1.89 -5.50
N CYS A 172 2.91 -1.73 -6.82
CA CYS A 172 2.19 -0.67 -7.51
C CYS A 172 1.02 -1.25 -8.28
N TYR A 173 -0.20 -1.07 -7.79
CA TYR A 173 -1.36 -1.69 -8.44
C TYR A 173 -2.11 -0.62 -9.21
N SER A 174 -2.67 -1.03 -10.34
CA SER A 174 -3.40 -0.09 -11.19
C SER A 174 -4.70 0.32 -10.49
N VAL A 175 -5.16 -0.49 -9.50
CA VAL A 175 -6.45 -0.22 -8.85
C VAL A 175 -6.41 -0.73 -7.43
N ALA A 176 -7.20 -0.09 -6.54
CA ALA A 176 -7.38 -0.54 -5.17
C ALA A 176 -8.05 -1.93 -5.18
N GLU A 177 -7.89 -2.71 -4.11
CA GLU A 177 -8.34 -4.07 -4.05
C GLU A 177 -9.88 -4.14 -4.19
N GLY A 178 -10.40 -5.13 -4.92
CA GLY A 178 -11.85 -5.31 -5.02
C GLY A 178 -12.51 -4.76 -6.29
N TYR A 179 -11.73 -4.00 -7.07
CA TYR A 179 -12.27 -3.20 -8.16
C TYR A 179 -11.84 -3.59 -9.59
N TYR A 180 -12.65 -3.17 -10.56
CA TYR A 180 -12.30 -3.19 -11.97
C TYR A 180 -11.19 -2.20 -12.29
N SER A 181 -10.33 -2.63 -13.20
CA SER A 181 -9.28 -1.75 -13.73
C SER A 181 -9.51 -1.62 -15.25
N HIS A 182 -9.39 -0.38 -15.79
CA HIS A 182 -9.77 -0.04 -17.18
C HIS A 182 -8.67 -0.01 -18.24
N ARG A 183 -9.06 -0.37 -19.45
CA ARG A 183 -8.16 -0.42 -20.59
C ARG A 183 -8.82 0.12 -21.84
N GLU A 184 -8.15 1.04 -22.53
CA GLU A 184 -8.58 1.48 -23.87
C GLU A 184 -7.98 0.59 -24.95
N THR A 185 -8.77 0.30 -25.98
CA THR A 185 -8.39 -0.77 -26.89
C THR A 185 -7.26 -0.36 -27.84
N VAL A 186 -7.00 0.94 -27.97
CA VAL A 186 -5.86 1.43 -28.75
C VAL A 186 -4.73 2.01 -27.86
N ASN A 187 -5.07 2.99 -27.02
CA ASN A 187 -4.09 3.64 -26.15
C ASN A 187 -3.50 2.85 -24.99
N GLY A 188 -4.22 1.82 -24.55
CA GLY A 188 -3.81 0.95 -23.48
C GLY A 188 -4.49 1.25 -22.18
N SER A 189 -3.94 0.71 -21.10
CA SER A 189 -4.63 0.88 -19.80
C SER A 189 -4.62 2.32 -19.29
N TRP A 190 -5.69 2.74 -18.61
CA TRP A 190 -5.64 4.07 -17.96
C TRP A 190 -4.35 4.24 -17.15
N TYR A 191 -4.09 3.27 -16.30
CA TYR A 191 -2.99 3.35 -15.33
C TYR A 191 -1.61 3.39 -15.99
N ILE A 192 -1.35 2.44 -16.88
CA ILE A 192 -0.08 2.40 -17.57
C ILE A 192 0.14 3.66 -18.43
N GLN A 193 -0.92 4.18 -19.06
CA GLN A 193 -0.77 5.44 -19.81
C GLN A 193 -0.30 6.56 -18.92
N ASP A 194 -0.99 6.76 -17.79
CA ASP A 194 -0.65 7.82 -16.83
C ASP A 194 0.72 7.54 -16.13
N LEU A 195 0.98 6.28 -15.79
CA LEU A 195 2.29 5.99 -15.20
C LEU A 195 3.39 6.39 -16.20
N CYS A 196 3.24 6.01 -17.47
CA CYS A 196 4.28 6.29 -18.45
C CYS A 196 4.46 7.77 -18.76
N GLU A 197 3.36 8.50 -18.84
CA GLU A 197 3.45 9.96 -18.97
C GLU A 197 4.20 10.64 -17.83
N MET A 198 3.96 10.18 -16.60
CA MET A 198 4.58 10.79 -15.46
C MET A 198 6.04 10.36 -15.44
N LEU A 199 6.33 9.10 -15.80
CA LEU A 199 7.75 8.65 -15.84
C LEU A 199 8.48 9.51 -16.92
N GLY A 200 7.80 9.77 -18.03
CA GLY A 200 8.41 10.52 -19.12
C GLY A 200 8.79 11.95 -18.68
N LYS A 201 7.92 12.57 -17.90
CA LYS A 201 8.09 13.92 -17.44
C LYS A 201 8.97 14.04 -16.16
N TYR A 202 8.83 13.11 -15.21
CA TYR A 202 9.40 13.29 -13.87
C TYR A 202 10.25 12.11 -13.40
N GLY A 203 10.34 11.08 -14.23
CA GLY A 203 10.90 9.83 -13.71
C GLY A 203 12.33 9.94 -13.21
N SER A 204 13.15 10.75 -13.87
CA SER A 204 14.57 10.84 -13.55
C SER A 204 14.83 11.93 -12.52
N SER A 205 13.79 12.52 -11.95
CA SER A 205 13.94 13.54 -10.85
C SER A 205 13.06 13.34 -9.60
N LEU A 206 11.76 13.11 -9.77
CA LEU A 206 10.82 12.91 -8.63
C LEU A 206 11.04 11.65 -7.83
N GLU A 207 10.93 11.72 -6.51
CA GLU A 207 10.91 10.50 -5.70
C GLU A 207 9.78 9.62 -6.26
N PHE A 208 10.06 8.33 -6.42
CA PHE A 208 9.14 7.43 -7.11
C PHE A 208 7.70 7.29 -6.54
N THR A 209 7.65 7.20 -5.22
CA THR A 209 6.35 7.22 -4.54
C THR A 209 5.59 8.53 -4.71
N GLU A 210 6.30 9.66 -4.71
CA GLU A 210 5.56 10.91 -5.02
C GLU A 210 5.04 10.83 -6.47
N LEU A 211 5.87 10.28 -7.35
CA LEU A 211 5.49 10.06 -8.74
C LEU A 211 4.19 9.22 -8.85
N LEU A 212 4.16 8.12 -8.10
CA LEU A 212 2.95 7.27 -8.03
C LEU A 212 1.70 8.03 -7.49
N THR A 213 1.90 9.01 -6.63
CA THR A 213 0.82 9.77 -6.05
C THR A 213 0.24 10.67 -7.13
N LEU A 214 1.11 11.25 -7.98
CA LEU A 214 0.64 11.96 -9.16
C LEU A 214 -0.16 11.05 -10.08
N VAL A 215 0.35 9.84 -10.29
CA VAL A 215 -0.39 8.85 -11.06
C VAL A 215 -1.80 8.61 -10.48
N ASN A 216 -1.89 8.51 -9.14
CA ASN A 216 -3.20 8.30 -8.50
C ASN A 216 -4.15 9.47 -8.87
N ARG A 217 -3.63 10.69 -8.86
CA ARG A 217 -4.43 11.84 -9.20
C ARG A 217 -4.85 11.86 -10.69
N LYS A 218 -3.94 11.52 -11.60
CA LYS A 218 -4.28 11.44 -13.03
C LYS A 218 -5.38 10.42 -13.29
N VAL A 219 -5.17 9.23 -12.76
CA VAL A 219 -6.11 8.14 -13.05
C VAL A 219 -7.47 8.49 -12.46
N SER A 220 -7.48 9.13 -11.30
CA SER A 220 -8.74 9.35 -10.62
C SER A 220 -9.56 10.47 -11.34
N GLN A 221 -8.91 11.20 -12.26
CA GLN A 221 -9.61 12.16 -13.11
C GLN A 221 -10.35 11.57 -14.30
N ARG A 222 -9.95 10.39 -14.73
CA ARG A 222 -10.57 9.71 -15.85
C ARG A 222 -12.01 9.26 -15.52
N ARG A 223 -12.79 9.02 -16.55
CA ARG A 223 -14.12 8.41 -16.34
C ARG A 223 -14.47 7.64 -17.61
N VAL A 224 -15.32 6.60 -17.51
CA VAL A 224 -15.73 5.83 -18.67
C VAL A 224 -16.70 6.73 -19.44
N ASP A 225 -16.29 7.21 -20.60
CA ASP A 225 -17.06 8.09 -21.43
C ASP A 225 -17.85 7.37 -22.51
N PHE A 226 -17.34 6.24 -22.93
CA PHE A 226 -17.93 5.41 -23.93
C PHE A 226 -17.73 3.92 -23.56
N CYS A 227 -18.77 3.14 -23.73
CA CYS A 227 -18.71 1.74 -23.39
C CYS A 227 -19.78 0.91 -24.08
N LYS A 228 -19.44 -0.32 -24.38
CA LYS A 228 -20.46 -1.24 -24.92
C LYS A 228 -21.55 -1.57 -23.89
N ASP A 229 -21.19 -1.51 -22.54
CA ASP A 229 -22.11 -1.64 -21.42
C ASP A 229 -22.50 -0.26 -20.93
N PRO A 230 -23.75 0.15 -21.21
CA PRO A 230 -24.24 1.51 -20.86
C PRO A 230 -24.14 1.83 -19.38
N SER A 231 -24.23 0.83 -18.51
CA SER A 231 -24.25 1.12 -17.08
C SER A 231 -22.86 1.41 -16.56
N ALA A 232 -21.84 1.19 -17.40
CA ALA A 232 -20.45 1.56 -17.02
C ALA A 232 -20.12 3.05 -17.18
N ILE A 233 -20.95 3.78 -17.93
CA ILE A 233 -20.67 5.18 -18.24
C ILE A 233 -20.50 6.00 -16.96
N GLY A 234 -19.42 6.78 -16.89
CA GLY A 234 -19.23 7.66 -15.73
C GLY A 234 -18.37 7.01 -14.62
N LYS A 235 -18.15 5.72 -14.67
CA LYS A 235 -17.48 5.00 -13.60
C LYS A 235 -16.01 5.33 -13.52
N LYS A 236 -15.35 4.87 -12.45
CA LYS A 236 -14.11 5.49 -12.04
C LYS A 236 -13.10 4.45 -11.63
N GLN A 237 -11.90 4.91 -11.24
CA GLN A 237 -10.84 4.01 -10.77
C GLN A 237 -9.79 4.84 -10.04
N VAL A 238 -9.30 4.37 -8.89
CA VAL A 238 -8.10 4.97 -8.23
C VAL A 238 -7.09 3.84 -8.03
N PRO A 239 -5.82 4.08 -8.42
CA PRO A 239 -4.76 3.07 -8.18
C PRO A 239 -4.35 3.02 -6.71
N CYS A 240 -3.39 2.17 -6.38
CA CYS A 240 -2.96 2.04 -5.01
C CYS A 240 -1.57 1.49 -5.06
N PHE A 241 -0.62 2.11 -4.35
CA PHE A 241 0.71 1.54 -4.15
C PHE A 241 0.92 1.19 -2.68
N ALA A 242 1.56 0.06 -2.42
CA ALA A 242 1.77 -0.40 -1.06
C ALA A 242 3.27 -0.45 -0.85
N SER A 243 3.76 0.38 0.07
CA SER A 243 5.16 0.52 0.27
C SER A 243 5.70 -0.14 1.56
N MET A 244 6.64 -1.02 1.39
CA MET A 244 7.52 -1.47 2.48
C MET A 244 8.95 -0.92 2.27
N LEU A 245 9.09 0.21 1.55
CA LEU A 245 10.39 0.82 1.38
C LEU A 245 10.84 1.46 2.66
N THR A 246 12.16 1.59 2.80
CA THR A 246 12.74 2.14 4.03
C THR A 246 13.50 3.45 3.75
N LYS A 247 13.61 3.84 2.49
CA LYS A 247 14.33 5.05 2.10
C LYS A 247 13.68 5.71 0.90
N LYS A 248 14.09 6.93 0.61
CA LYS A 248 13.68 7.63 -0.63
C LYS A 248 14.24 6.95 -1.87
N LEU A 249 13.36 6.77 -2.85
CA LEU A 249 13.69 6.17 -4.14
C LEU A 249 13.68 7.12 -5.38
N HIS A 250 14.85 7.30 -5.98
CA HIS A 250 15.04 8.12 -7.20
C HIS A 250 15.68 7.32 -8.32
N PHE A 251 15.35 7.69 -9.55
CA PHE A 251 16.02 7.21 -10.74
C PHE A 251 16.82 8.35 -11.46
N PHE A 252 17.72 9.04 -10.72
CA PHE A 252 18.62 10.03 -11.32
C PHE A 252 19.40 9.39 -12.49
N PRO A 253 19.75 10.18 -13.53
CA PRO A 253 20.54 9.65 -14.67
C PRO A 253 21.85 9.03 -14.16
N LYS A 254 22.25 7.90 -14.68
CA LYS A 254 23.44 7.25 -14.14
C LYS A 254 24.74 7.72 -14.78
N MET B 7 -3.74 23.80 -15.41
CA MET B 7 -2.39 23.33 -15.14
C MET B 7 -2.38 22.21 -14.09
N PHE B 8 -1.54 21.19 -14.35
CA PHE B 8 -1.24 20.08 -13.43
C PHE B 8 -0.07 20.50 -12.53
N ASP B 9 -0.25 20.36 -11.23
CA ASP B 9 0.76 20.88 -10.31
C ASP B 9 1.37 19.74 -9.50
N PRO B 10 2.63 19.36 -9.83
CA PRO B 10 3.27 18.24 -9.14
C PRO B 10 3.48 18.48 -7.65
N ALA B 11 3.41 19.74 -7.20
CA ALA B 11 3.61 20.06 -5.79
C ALA B 11 2.31 20.15 -5.00
N GLU B 12 1.20 19.85 -5.66
CA GLU B 12 -0.09 20.12 -5.04
C GLU B 12 -0.31 19.37 -3.71
N LYS B 13 -0.87 20.08 -2.73
CA LYS B 13 -1.09 19.56 -1.37
C LYS B 13 -2.57 19.48 -1.12
N TYR B 14 -3.01 18.59 -0.23
CA TYR B 14 -4.36 18.68 0.31
C TYR B 14 -4.53 20.05 1.00
N LYS B 15 -5.70 20.66 0.86
CA LYS B 15 -6.06 21.85 1.64
C LYS B 15 -6.31 21.46 3.11
N MET B 16 -5.44 21.94 4.00
CA MET B 16 -5.51 21.60 5.42
C MET B 16 -5.71 22.89 6.17
N ASP B 17 -6.56 23.76 5.64
CA ASP B 17 -6.85 25.00 6.32
C ASP B 17 -8.28 25.11 6.79
N HIS B 18 -8.91 24.00 7.17
CA HIS B 18 -10.27 24.11 7.68
C HIS B 18 -10.21 24.53 9.13
N ARG B 19 -11.38 24.86 9.67
CA ARG B 19 -11.50 25.27 11.06
C ARG B 19 -10.97 24.22 12.01
N ARG B 20 -11.11 22.94 11.67
CA ARG B 20 -10.73 21.89 12.59
C ARG B 20 -9.84 20.94 11.83
N ARG B 21 -8.84 20.40 12.51
CA ARG B 21 -8.01 19.30 11.93
C ARG B 21 -8.88 18.09 11.66
N GLY B 22 -9.71 17.70 12.65
CA GLY B 22 -10.61 16.57 12.46
C GLY B 22 -10.58 15.63 13.65
N ILE B 23 -11.31 14.54 13.51
CA ILE B 23 -11.42 13.58 14.63
C ILE B 23 -10.34 12.51 14.40
N ALA B 24 -9.79 12.01 15.48
CA ALA B 24 -8.98 10.80 15.42
C ALA B 24 -9.60 9.80 16.41
N LEU B 25 -10.19 8.71 15.89
CA LEU B 25 -10.80 7.66 16.70
C LEU B 25 -9.76 6.62 17.01
N ILE B 26 -9.61 6.24 18.28
CA ILE B 26 -8.76 5.12 18.65
C ILE B 26 -9.60 4.01 19.28
N PHE B 27 -9.59 2.82 18.66
CA PHE B 27 -10.23 1.66 19.26
C PHE B 27 -9.15 0.81 19.88
N ASN B 28 -9.12 0.80 21.23
CA ASN B 28 -8.04 0.15 21.99
C ASN B 28 -8.56 -1.18 22.59
N HIS B 29 -7.99 -2.32 22.17
CA HIS B 29 -8.39 -3.61 22.71
C HIS B 29 -7.36 -4.31 23.59
N GLU B 30 -7.68 -4.45 24.86
CA GLU B 30 -6.74 -5.00 25.86
C GLU B 30 -7.03 -6.46 26.19
N ARG B 31 -8.31 -6.81 26.30
CA ARG B 31 -8.66 -8.21 26.61
C ARG B 31 -9.92 -8.65 25.83
N PHE B 32 -10.27 -9.92 25.89
CA PHE B 32 -11.26 -10.47 24.96
C PHE B 32 -12.14 -11.53 25.57
N PHE B 33 -13.32 -11.74 25.03
CA PHE B 33 -14.22 -12.69 25.59
C PHE B 33 -13.45 -13.98 25.70
N TRP B 34 -13.64 -14.67 26.82
CA TRP B 34 -12.83 -15.79 27.21
C TRP B 34 -12.85 -16.93 26.20
N HIS B 35 -13.96 -17.20 25.55
CA HIS B 35 -13.99 -18.26 24.54
C HIS B 35 -13.09 -18.00 23.32
N LEU B 36 -12.89 -16.75 22.94
CA LEU B 36 -12.03 -16.41 21.80
C LEU B 36 -10.66 -17.00 22.02
N THR B 37 -10.34 -17.26 23.30
CA THR B 37 -8.99 -17.74 23.67
C THR B 37 -7.83 -16.89 23.13
N LEU B 38 -7.93 -15.57 23.29
CA LEU B 38 -6.91 -14.61 22.85
C LEU B 38 -6.26 -14.05 24.09
N PRO B 39 -4.93 -13.85 24.07
CA PRO B 39 -4.24 -13.36 25.27
C PRO B 39 -4.39 -11.85 25.46
N GLU B 40 -4.18 -11.39 26.68
CA GLU B 40 -4.30 -9.97 26.97
C GLU B 40 -3.22 -9.19 26.24
N ARG B 41 -3.53 -7.97 25.80
CA ARG B 41 -2.52 -7.21 25.05
C ARG B 41 -1.81 -6.16 25.93
N ARG B 42 -1.06 -6.63 26.92
CA ARG B 42 -0.30 -5.76 27.82
C ARG B 42 0.63 -4.91 26.96
N GLY B 43 0.72 -3.62 27.28
CA GLY B 43 1.48 -2.71 26.43
C GLY B 43 0.60 -1.78 25.60
N THR B 44 -0.63 -2.20 25.34
CA THR B 44 -1.51 -1.44 24.46
C THR B 44 -2.00 -0.11 25.07
N CYS B 45 -2.05 0.01 26.38
CA CYS B 45 -2.47 1.29 26.94
C CYS B 45 -1.38 2.34 26.72
N ALA B 46 -0.11 1.94 26.76
CA ALA B 46 1.01 2.81 26.39
C ALA B 46 0.84 3.34 24.97
N ASP B 47 0.52 2.43 24.07
CA ASP B 47 0.30 2.77 22.68
C ASP B 47 -0.83 3.81 22.58
N ARG B 48 -1.97 3.52 23.20
CA ARG B 48 -3.12 4.40 23.13
C ARG B 48 -2.81 5.77 23.70
N ASP B 49 -2.15 5.81 24.85
CA ASP B 49 -1.82 7.10 25.49
C ASP B 49 -0.84 7.93 24.66
N ASN B 50 0.13 7.24 24.05
CA ASN B 50 1.13 7.81 23.17
C ASN B 50 0.54 8.42 21.92
N LEU B 51 -0.37 7.72 21.26
CA LEU B 51 -1.11 8.23 20.10
C LEU B 51 -1.98 9.42 20.49
N THR B 52 -2.65 9.31 21.64
CA THR B 52 -3.50 10.39 22.12
C THR B 52 -2.71 11.69 22.21
N ARG B 53 -1.54 11.62 22.84
CA ARG B 53 -0.69 12.82 22.93
C ARG B 53 -0.16 13.31 21.55
N ARG B 54 0.33 12.42 20.70
CA ARG B 54 0.85 12.85 19.40
C ARG B 54 -0.24 13.44 18.51
N PHE B 55 -1.36 12.78 18.47
CA PHE B 55 -2.48 13.22 17.66
C PHE B 55 -3.13 14.50 18.17
N SER B 56 -3.18 14.68 19.48
CA SER B 56 -3.69 15.95 20.00
C SER B 56 -2.79 17.09 19.62
N ASP B 57 -1.48 16.81 19.60
CA ASP B 57 -0.49 17.86 19.36
C ASP B 57 -0.60 18.34 17.92
N LEU B 58 -1.13 17.47 17.08
CA LEU B 58 -1.30 17.79 15.67
C LEU B 58 -2.67 18.41 15.40
N GLY B 59 -3.43 18.71 16.45
CA GLY B 59 -4.72 19.38 16.25
C GLY B 59 -5.98 18.49 16.28
N PHE B 60 -5.82 17.18 16.28
CA PHE B 60 -6.97 16.26 16.24
C PHE B 60 -7.77 16.27 17.51
N GLU B 61 -9.08 16.01 17.37
CA GLU B 61 -9.93 15.81 18.52
C GLU B 61 -9.95 14.30 18.69
N VAL B 62 -9.25 13.82 19.73
CA VAL B 62 -9.02 12.36 19.93
C VAL B 62 -10.16 11.72 20.71
N LYS B 63 -10.79 10.70 20.18
CA LYS B 63 -11.76 9.93 20.93
C LYS B 63 -11.31 8.48 21.08
N CYS B 64 -11.14 7.95 22.29
CA CYS B 64 -10.75 6.55 22.50
C CYS B 64 -11.90 5.75 23.03
N PHE B 65 -12.00 4.52 22.52
CA PHE B 65 -12.91 3.49 23.06
C PHE B 65 -12.14 2.20 23.34
N ASN B 66 -12.36 1.67 24.54
CA ASN B 66 -11.62 0.54 25.05
C ASN B 66 -12.49 -0.69 25.05
N ASP B 67 -12.05 -1.75 24.38
CA ASP B 67 -12.72 -3.04 24.52
C ASP B 67 -14.20 -2.99 24.15
N LEU B 68 -14.55 -2.33 23.08
CA LEU B 68 -15.94 -2.43 22.65
C LEU B 68 -16.20 -3.78 22.02
N LYS B 69 -17.41 -4.29 22.25
CA LYS B 69 -17.96 -5.39 21.48
C LYS B 69 -18.19 -4.96 20.04
N ALA B 70 -18.23 -5.94 19.14
CA ALA B 70 -18.29 -5.66 17.73
C ALA B 70 -19.47 -4.74 17.39
N GLU B 71 -20.62 -5.08 17.91
CA GLU B 71 -21.83 -4.35 17.57
C GLU B 71 -21.76 -2.93 18.04
N GLU B 72 -21.18 -2.71 19.23
CA GLU B 72 -21.08 -1.35 19.74
C GLU B 72 -19.99 -0.57 18.96
N LEU B 73 -18.95 -1.26 18.48
CA LEU B 73 -17.90 -0.58 17.78
C LEU B 73 -18.41 -0.10 16.42
N LEU B 74 -19.13 -0.98 15.76
CA LEU B 74 -19.67 -0.66 14.45
C LEU B 74 -20.70 0.46 14.57
N LEU B 75 -21.44 0.45 15.67
CA LEU B 75 -22.38 1.52 15.94
C LEU B 75 -21.59 2.81 16.09
N LYS B 76 -20.53 2.79 16.84
CA LYS B 76 -19.80 4.01 17.03
C LYS B 76 -19.21 4.54 15.76
N ILE B 77 -18.60 3.67 15.02
CA ILE B 77 -17.96 4.09 13.79
C ILE B 77 -18.97 4.54 12.72
N HIS B 78 -20.13 3.90 12.70
CA HIS B 78 -21.22 4.37 11.88
C HIS B 78 -21.66 5.79 12.27
N GLU B 79 -21.75 6.10 13.57
CA GLU B 79 -22.11 7.46 13.97
C GLU B 79 -21.12 8.48 13.44
N VAL B 80 -19.83 8.23 13.66
CA VAL B 80 -18.80 9.13 13.16
C VAL B 80 -18.87 9.34 11.65
N SER B 81 -19.18 8.30 10.90
CA SER B 81 -19.20 8.43 9.47
C SER B 81 -20.42 9.22 8.98
N THR B 82 -21.39 9.45 9.85
CA THR B 82 -22.60 10.20 9.42
C THR B 82 -22.72 11.64 9.97
N VAL B 83 -21.78 12.05 10.82
CA VAL B 83 -21.71 13.41 11.36
C VAL B 83 -21.03 14.25 10.31
N SER B 84 -21.26 15.56 10.28
CA SER B 84 -20.59 16.33 9.20
C SER B 84 -19.12 16.52 9.48
N HIS B 85 -18.31 16.38 8.45
CA HIS B 85 -16.87 16.66 8.58
C HIS B 85 -16.63 17.82 7.62
N ALA B 86 -17.68 18.61 7.37
CA ALA B 86 -17.50 19.70 6.40
C ALA B 86 -16.46 20.71 6.92
N ASP B 87 -16.31 20.74 8.22
CA ASP B 87 -15.48 21.68 8.94
C ASP B 87 -14.05 21.15 9.18
N ALA B 88 -13.75 19.95 8.72
CA ALA B 88 -12.48 19.32 9.09
C ALA B 88 -11.52 19.10 7.92
N ASP B 89 -10.24 19.00 8.24
CA ASP B 89 -9.20 18.74 7.24
C ASP B 89 -9.22 17.30 6.77
N CYS B 90 -9.41 16.39 7.73
CA CYS B 90 -9.26 14.98 7.44
C CYS B 90 -9.85 14.14 8.54
N PHE B 91 -9.69 12.81 8.45
CA PHE B 91 -10.18 11.87 9.48
C PHE B 91 -9.14 10.77 9.76
N VAL B 92 -8.94 10.39 11.03
CA VAL B 92 -7.99 9.31 11.42
C VAL B 92 -8.71 8.28 12.28
N CYS B 93 -8.47 7.02 12.00
CA CYS B 93 -9.10 5.95 12.73
C CYS B 93 -8.02 4.92 13.06
N VAL B 94 -7.81 4.64 14.34
CA VAL B 94 -6.75 3.73 14.74
C VAL B 94 -7.36 2.49 15.41
N PHE B 95 -6.86 1.30 15.07
CA PHE B 95 -7.29 0.04 15.72
C PHE B 95 -6.08 -0.66 16.32
N LEU B 96 -6.09 -0.88 17.63
CA LEU B 96 -5.05 -1.64 18.31
C LEU B 96 -5.67 -2.97 18.81
N SER B 97 -5.41 -4.09 18.14
CA SER B 97 -6.01 -5.32 18.62
C SER B 97 -5.21 -6.53 18.11
N HIS B 98 -5.78 -7.71 18.32
CA HIS B 98 -5.29 -8.93 17.66
C HIS B 98 -5.90 -9.00 16.28
N GLY B 99 -5.28 -9.79 15.41
CA GLY B 99 -5.81 -9.87 14.07
C GLY B 99 -5.18 -10.99 13.27
N GLU B 100 -5.79 -11.20 12.10
CA GLU B 100 -5.35 -12.23 11.17
C GLU B 100 -6.01 -11.96 9.86
N GLY B 101 -5.44 -12.53 8.80
CA GLY B 101 -5.94 -12.32 7.44
C GLY B 101 -6.22 -10.84 7.21
N ASN B 102 -7.49 -10.53 6.96
CA ASN B 102 -7.93 -9.16 6.75
C ASN B 102 -8.98 -8.77 7.77
N HIS B 103 -8.87 -9.28 9.00
CA HIS B 103 -9.76 -8.81 10.04
C HIS B 103 -9.00 -8.47 11.32
N ILE B 104 -9.65 -7.65 12.15
CA ILE B 104 -9.21 -7.41 13.53
C ILE B 104 -10.26 -7.91 14.53
N TYR B 105 -9.88 -8.08 15.80
CA TYR B 105 -10.88 -8.46 16.80
C TYR B 105 -11.43 -7.29 17.62
N ALA B 106 -12.75 -7.26 17.74
CA ALA B 106 -13.37 -6.48 18.80
C ALA B 106 -13.35 -7.43 20.03
N TYR B 107 -13.99 -7.02 21.13
CA TYR B 107 -14.05 -7.85 22.33
C TYR B 107 -14.57 -9.31 22.11
N ASP B 108 -15.58 -9.50 21.28
CA ASP B 108 -16.36 -10.76 21.25
C ASP B 108 -16.37 -11.40 19.86
N ALA B 109 -15.89 -10.69 18.84
CA ALA B 109 -15.90 -11.17 17.44
C ALA B 109 -14.93 -10.42 16.56
N LYS B 110 -14.51 -11.04 15.45
CA LYS B 110 -13.67 -10.39 14.46
C LYS B 110 -14.55 -9.53 13.55
N ILE B 111 -13.91 -8.54 12.93
CA ILE B 111 -14.53 -7.64 11.97
C ILE B 111 -13.59 -7.49 10.81
N GLU B 112 -14.10 -7.67 9.60
CA GLU B 112 -13.33 -7.44 8.39
C GLU B 112 -12.97 -5.97 8.25
N ILE B 113 -11.70 -5.70 7.99
CA ILE B 113 -11.26 -4.30 7.88
C ILE B 113 -12.08 -3.49 6.83
N GLN B 114 -12.46 -4.16 5.75
CA GLN B 114 -13.19 -3.51 4.66
C GLN B 114 -14.58 -3.04 5.14
N THR B 115 -15.13 -3.70 6.15
CA THR B 115 -16.40 -3.30 6.75
C THR B 115 -16.27 -1.91 7.40
N LEU B 116 -15.16 -1.70 8.08
CA LEU B 116 -14.83 -0.42 8.68
C LEU B 116 -14.50 0.66 7.64
N THR B 117 -13.58 0.40 6.73
CA THR B 117 -13.27 1.43 5.75
C THR B 117 -14.45 1.80 4.82
N GLY B 118 -15.30 0.83 4.47
CA GLY B 118 -16.38 1.06 3.50
C GLY B 118 -17.35 2.19 3.88
N LEU B 119 -17.50 2.43 5.18
CA LEU B 119 -18.40 3.47 5.69
C LEU B 119 -17.91 4.86 5.34
N PHE B 120 -16.63 4.96 4.94
CA PHE B 120 -16.03 6.27 4.67
C PHE B 120 -15.82 6.59 3.20
N LYS B 121 -16.29 5.69 2.35
CA LYS B 121 -16.19 5.86 0.91
C LYS B 121 -17.03 7.02 0.52
N GLY B 122 -16.67 7.59 -0.63
CA GLY B 122 -17.15 8.89 -1.04
C GLY B 122 -18.65 8.92 -1.19
N ASP B 123 -19.23 7.83 -1.68
CA ASP B 123 -20.68 7.76 -1.85
C ASP B 123 -21.48 7.50 -0.55
N LYS B 124 -20.79 7.14 0.55
CA LYS B 124 -21.40 6.91 1.88
C LYS B 124 -21.09 8.05 2.83
N CYS B 125 -19.97 8.71 2.60
CA CYS B 125 -19.55 9.79 3.51
C CYS B 125 -19.15 10.99 2.72
N HIS B 126 -20.13 11.77 2.33
CA HIS B 126 -19.90 12.91 1.49
C HIS B 126 -19.03 14.04 2.04
N SER B 127 -19.21 14.45 3.29
CA SER B 127 -18.38 15.52 3.83
C SER B 127 -16.89 15.15 3.93
N LEU B 128 -16.50 13.90 3.66
CA LEU B 128 -15.08 13.60 3.60
C LEU B 128 -14.56 13.40 2.17
N VAL B 129 -15.42 13.59 1.18
CA VAL B 129 -14.96 13.48 -0.20
C VAL B 129 -13.86 14.51 -0.49
N GLY B 130 -12.72 14.05 -0.99
CA GLY B 130 -11.65 15.00 -1.26
C GLY B 130 -10.66 15.12 -0.11
N LYS B 131 -10.98 14.49 1.02
CA LYS B 131 -10.15 14.66 2.21
C LYS B 131 -9.48 13.33 2.55
N PRO B 132 -8.27 13.41 3.07
CA PRO B 132 -7.56 12.17 3.47
C PRO B 132 -8.35 11.41 4.57
N LYS B 133 -8.41 10.12 4.40
CA LYS B 133 -9.08 9.19 5.30
C LYS B 133 -8.01 8.18 5.69
N ILE B 134 -7.51 8.30 6.91
CA ILE B 134 -6.31 7.55 7.33
C ILE B 134 -6.61 6.51 8.39
N PHE B 135 -6.32 5.23 8.10
CA PHE B 135 -6.54 4.13 9.03
C PHE B 135 -5.22 3.57 9.44
N ILE B 136 -5.05 3.38 10.74
CA ILE B 136 -3.75 2.86 11.28
C ILE B 136 -4.10 1.59 12.06
N ILE B 137 -3.52 0.46 11.64
CA ILE B 137 -3.89 -0.81 12.22
C ILE B 137 -2.66 -1.54 12.81
N GLN B 138 -2.63 -1.67 14.14
CA GLN B 138 -1.65 -2.52 14.88
C GLN B 138 -2.35 -3.84 15.20
N ALA B 139 -1.96 -4.89 14.47
CA ALA B 139 -2.56 -6.25 14.59
C ALA B 139 -1.69 -7.19 13.75
N CYS B 140 -1.70 -8.47 14.05
CA CYS B 140 -1.11 -9.48 13.16
C CYS B 140 -1.90 -9.59 11.85
N ARG B 141 -1.24 -10.00 10.78
CA ARG B 141 -1.88 -10.10 9.49
C ARG B 141 -1.75 -11.54 8.91
N GLY B 142 -1.34 -12.46 9.77
CA GLY B 142 -1.05 -13.79 9.35
C GLY B 142 -0.10 -14.47 10.32
N ASN B 143 0.42 -15.63 9.94
CA ASN B 143 1.19 -16.43 10.88
C ASN B 143 2.64 -16.73 10.46
N GLN B 144 3.15 -15.97 9.49
CA GLN B 144 4.59 -16.00 9.20
C GLN B 144 5.38 -15.07 10.11
N HIS B 145 6.55 -15.52 10.50
CA HIS B 145 7.40 -14.71 11.37
C HIS B 145 8.59 -14.32 10.51
N ASP B 146 8.73 -13.02 10.25
CA ASP B 146 9.70 -12.59 9.24
C ASP B 146 11.12 -12.82 9.77
N VAL B 147 12.07 -13.17 8.90
CA VAL B 147 13.40 -13.58 9.36
C VAL B 147 14.46 -12.52 9.02
N PRO B 148 15.58 -12.49 9.77
CA PRO B 148 16.59 -11.45 9.49
C PRO B 148 17.52 -11.84 8.32
N VAL B 149 17.95 -10.85 7.56
CA VAL B 149 18.93 -11.01 6.48
C VAL B 149 19.94 -9.86 6.58
N ILE B 150 21.14 -10.12 6.12
CA ILE B 150 22.23 -9.16 6.21
C ILE B 150 22.49 -8.51 4.85
N PRO B 151 22.48 -7.17 4.79
CA PRO B 151 22.73 -6.47 3.52
C PRO B 151 24.17 -6.71 3.00
N LEU B 152 24.33 -7.04 1.72
CA LEU B 152 25.64 -7.44 1.17
C LEU B 152 26.64 -6.30 0.95
N VAL B 160 -16.11 20.06 -14.39
CA VAL B 160 -15.24 19.61 -13.30
C VAL B 160 -15.03 18.10 -13.34
N TYR B 161 -13.88 17.66 -12.81
CA TYR B 161 -13.61 16.24 -12.64
C TYR B 161 -14.41 15.65 -11.47
N THR B 162 -14.81 14.40 -11.61
CA THR B 162 -15.38 13.68 -10.49
C THR B 162 -14.22 12.94 -9.87
N LEU B 163 -14.45 12.45 -8.65
CA LEU B 163 -13.50 11.61 -7.96
C LEU B 163 -14.06 10.18 -7.84
N PRO B 164 -13.17 9.17 -7.89
CA PRO B 164 -13.58 7.82 -7.52
C PRO B 164 -14.02 7.81 -6.04
N ALA B 165 -15.06 7.03 -5.70
CA ALA B 165 -15.48 6.86 -4.29
C ALA B 165 -14.41 6.26 -3.40
N GLY B 166 -13.51 5.47 -4.00
CA GLY B 166 -12.39 4.79 -3.26
C GLY B 166 -11.15 5.67 -3.06
N ALA B 167 -11.14 6.88 -3.64
CA ALA B 167 -9.95 7.73 -3.56
C ALA B 167 -9.67 8.28 -2.17
N ASP B 168 -8.42 8.66 -1.96
CA ASP B 168 -8.02 9.49 -0.80
C ASP B 168 -7.97 8.71 0.54
N PHE B 169 -7.86 7.40 0.47
CA PHE B 169 -7.64 6.55 1.65
C PHE B 169 -6.14 6.32 1.80
N LEU B 170 -5.66 6.35 3.03
CA LEU B 170 -4.32 5.90 3.34
C LEU B 170 -4.37 4.81 4.43
N MET B 171 -3.98 3.57 4.12
CA MET B 171 -4.04 2.44 5.04
C MET B 171 -2.62 2.16 5.59
N CYS B 172 -2.45 2.31 6.90
CA CYS B 172 -1.11 2.22 7.52
C CYS B 172 -1.10 1.01 8.41
N TYR B 173 -0.45 -0.04 7.94
CA TYR B 173 -0.39 -1.29 8.68
C TYR B 173 0.94 -1.44 9.40
N SER B 174 0.87 -2.02 10.58
CA SER B 174 2.07 -2.22 11.39
C SER B 174 2.94 -3.29 10.74
N VAL B 175 2.35 -4.10 9.88
CA VAL B 175 3.11 -5.14 9.25
C VAL B 175 2.59 -5.41 7.87
N ALA B 176 3.44 -5.98 7.03
CA ALA B 176 3.08 -6.44 5.70
C ALA B 176 2.13 -7.64 5.82
N GLU B 177 1.31 -7.87 4.79
CA GLU B 177 0.27 -8.89 4.85
C GLU B 177 0.91 -10.29 5.07
N GLY B 178 0.30 -11.14 5.93
CA GLY B 178 0.82 -12.50 6.10
C GLY B 178 1.67 -12.71 7.36
N TYR B 179 2.03 -11.63 8.03
CA TYR B 179 3.03 -11.70 9.10
C TYR B 179 2.58 -11.39 10.50
N TYR B 180 3.39 -11.85 11.47
CA TYR B 180 3.28 -11.45 12.89
C TYR B 180 3.68 -10.00 13.08
N SER B 181 2.97 -9.32 13.99
CA SER B 181 3.27 -7.99 14.40
C SER B 181 3.63 -8.02 15.90
N HIS B 182 4.69 -7.32 16.32
CA HIS B 182 5.22 -7.43 17.69
C HIS B 182 4.85 -6.31 18.68
N ARG B 183 4.74 -6.68 19.97
CA ARG B 183 4.37 -5.75 21.04
C ARG B 183 5.21 -6.00 22.27
N GLU B 184 5.76 -4.94 22.86
CA GLU B 184 6.41 -5.06 24.16
C GLU B 184 5.38 -4.86 25.29
N THR B 185 5.54 -5.59 26.38
CA THR B 185 4.50 -5.65 27.40
C THR B 185 4.43 -4.35 28.23
N VAL B 186 5.48 -3.53 28.19
CA VAL B 186 5.45 -2.23 28.90
C VAL B 186 5.42 -1.07 27.95
N ASN B 187 6.36 -1.05 26.99
CA ASN B 187 6.47 0.08 26.03
C ASN B 187 5.44 0.14 24.93
N GLY B 188 4.78 -0.98 24.66
CA GLY B 188 3.81 -1.07 23.59
C GLY B 188 4.36 -1.71 22.31
N SER B 189 3.58 -1.62 21.25
CA SER B 189 3.95 -2.25 19.98
C SER B 189 5.16 -1.60 19.32
N TRP B 190 5.96 -2.40 18.60
CA TRP B 190 7.12 -1.84 17.89
C TRP B 190 6.66 -0.67 17.02
N TYR B 191 5.63 -0.92 16.25
CA TYR B 191 5.17 0.03 15.24
C TYR B 191 4.65 1.34 15.84
N ILE B 192 3.74 1.22 16.79
CA ILE B 192 3.15 2.44 17.37
C ILE B 192 4.21 3.23 18.13
N GLN B 193 5.22 2.55 18.71
CA GLN B 193 6.26 3.29 19.40
C GLN B 193 7.02 4.13 18.41
N ASP B 194 7.45 3.49 17.30
CA ASP B 194 8.20 4.22 16.25
C ASP B 194 7.33 5.25 15.46
N LEU B 195 6.06 4.95 15.26
CA LEU B 195 5.19 5.92 14.61
C LEU B 195 5.09 7.17 15.49
N CYS B 196 4.91 6.97 16.80
CA CYS B 196 4.76 8.08 17.74
C CYS B 196 6.02 8.96 17.86
N GLU B 197 7.18 8.29 17.82
CA GLU B 197 8.44 9.01 17.91
C GLU B 197 8.60 9.86 16.64
N MET B 198 8.23 9.32 15.49
CA MET B 198 8.42 10.04 14.23
C MET B 198 7.39 11.17 14.11
N LEU B 199 6.17 10.94 14.59
CA LEU B 199 5.17 12.06 14.70
C LEU B 199 5.65 13.15 15.61
N GLY B 200 6.17 12.74 16.78
CA GLY B 200 6.75 13.65 17.77
C GLY B 200 7.79 14.55 17.14
N LYS B 201 8.70 13.98 16.35
CA LYS B 201 9.84 14.71 15.82
C LYS B 201 9.53 15.42 14.51
N TYR B 202 8.69 14.82 13.66
CA TYR B 202 8.51 15.31 12.27
C TYR B 202 7.07 15.53 11.82
N GLY B 203 6.10 15.24 12.70
CA GLY B 203 4.71 15.19 12.31
C GLY B 203 4.20 16.52 11.74
N SER B 204 4.67 17.62 12.32
CA SER B 204 4.14 18.95 11.92
C SER B 204 4.94 19.58 10.79
N SER B 205 5.90 18.83 10.23
CA SER B 205 6.68 19.31 9.07
C SER B 205 6.82 18.37 7.86
N LEU B 206 7.13 17.12 8.05
CA LEU B 206 7.33 16.18 6.95
C LEU B 206 6.04 15.83 6.26
N GLU B 207 6.09 15.61 4.96
CA GLU B 207 4.97 14.94 4.29
C GLU B 207 4.69 13.57 4.93
N PHE B 208 3.42 13.25 5.14
CA PHE B 208 3.05 12.09 6.03
C PHE B 208 3.56 10.69 5.52
N THR B 209 3.52 10.53 4.20
CA THR B 209 4.05 9.31 3.57
C THR B 209 5.56 9.11 3.75
N GLU B 210 6.27 10.25 3.66
CA GLU B 210 7.69 10.35 3.97
C GLU B 210 7.94 9.95 5.40
N LEU B 211 7.12 10.48 6.28
CA LEU B 211 7.16 10.08 7.70
C LEU B 211 6.94 8.57 7.86
N LEU B 212 5.94 8.01 7.19
CA LEU B 212 5.68 6.56 7.31
C LEU B 212 6.86 5.70 6.80
N THR B 213 7.63 6.24 5.85
CA THR B 213 8.77 5.51 5.28
C THR B 213 9.89 5.45 6.31
N LEU B 214 9.99 6.52 7.11
CA LEU B 214 10.93 6.56 8.25
C LEU B 214 10.51 5.52 9.28
N VAL B 215 9.22 5.39 9.48
CA VAL B 215 8.69 4.42 10.41
C VAL B 215 9.03 3.02 9.89
N ASN B 216 8.87 2.80 8.59
CA ASN B 216 9.31 1.53 8.01
C ASN B 216 10.77 1.17 8.33
N ARG B 217 11.67 2.14 8.14
CA ARG B 217 13.08 1.98 8.48
C ARG B 217 13.37 1.74 9.97
N LYS B 218 12.69 2.46 10.86
CA LYS B 218 12.89 2.28 12.32
C LYS B 218 12.43 0.91 12.75
N VAL B 219 11.21 0.54 12.35
CA VAL B 219 10.70 -0.78 12.79
C VAL B 219 11.58 -1.91 12.24
N SER B 220 12.13 -1.74 11.03
CA SER B 220 12.89 -2.82 10.39
C SER B 220 14.30 -2.96 11.01
N GLN B 221 14.63 -2.05 11.93
CA GLN B 221 15.87 -2.16 12.66
C GLN B 221 15.72 -3.00 13.92
N ARG B 222 14.51 -3.13 14.39
CA ARG B 222 14.23 -3.91 15.59
C ARG B 222 14.42 -5.42 15.36
N ARG B 223 14.70 -6.13 16.45
CA ARG B 223 14.72 -7.60 16.41
C ARG B 223 14.22 -8.14 17.75
N VAL B 224 13.68 -9.35 17.77
CA VAL B 224 13.24 -9.96 19.01
C VAL B 224 14.53 -10.36 19.74
N ASP B 225 14.74 -9.77 20.91
CA ASP B 225 15.98 -9.95 21.72
C ASP B 225 15.74 -10.87 22.88
N PHE B 226 14.50 -10.96 23.31
CA PHE B 226 14.08 -11.86 24.40
C PHE B 226 12.64 -12.24 24.15
N CYS B 227 12.26 -13.43 24.60
CA CYS B 227 10.99 -14.00 24.21
C CYS B 227 10.79 -15.34 24.90
N LYS B 228 9.55 -15.58 25.28
CA LYS B 228 9.20 -16.84 25.95
C LYS B 228 9.52 -18.02 25.04
N ASP B 229 9.31 -17.78 23.75
CA ASP B 229 9.54 -18.74 22.65
C ASP B 229 10.94 -18.54 22.04
N PRO B 230 11.89 -19.42 22.37
CA PRO B 230 13.29 -19.31 21.96
C PRO B 230 13.45 -19.17 20.45
N SER B 231 12.56 -19.79 19.68
CA SER B 231 12.73 -19.79 18.21
C SER B 231 12.36 -18.43 17.61
N ALA B 232 11.71 -17.56 18.42
CA ALA B 232 11.39 -16.22 17.92
C ALA B 232 12.60 -15.25 17.94
N ILE B 233 13.66 -15.58 18.71
CA ILE B 233 14.84 -14.70 18.88
C ILE B 233 15.48 -14.27 17.54
N GLY B 234 15.74 -12.98 17.36
CA GLY B 234 16.27 -12.52 16.10
C GLY B 234 15.24 -12.11 15.02
N LYS B 235 14.00 -12.58 15.16
CA LYS B 235 13.00 -12.30 14.10
C LYS B 235 12.63 -10.80 13.97
N LYS B 236 11.81 -10.50 12.96
CA LYS B 236 11.81 -9.17 12.37
C LYS B 236 10.40 -8.77 11.97
N GLN B 237 10.30 -7.54 11.50
CA GLN B 237 8.99 -6.99 11.08
C GLN B 237 9.24 -5.75 10.22
N VAL B 238 8.59 -5.68 9.03
CA VAL B 238 8.52 -4.41 8.31
C VAL B 238 7.02 -4.00 8.19
N PRO B 239 6.69 -2.72 8.47
CA PRO B 239 5.33 -2.23 8.28
C PRO B 239 5.03 -2.02 6.80
N CYS B 240 3.81 -1.62 6.48
CA CYS B 240 3.44 -1.43 5.07
C CYS B 240 2.39 -0.32 5.12
N PHE B 241 2.53 0.71 4.28
CA PHE B 241 1.38 1.64 4.04
C PHE B 241 0.89 1.58 2.60
N ALA B 242 -0.44 1.67 2.41
CA ALA B 242 -1.06 1.47 1.11
C ALA B 242 -1.77 2.79 0.82
N SER B 243 -1.31 3.50 -0.20
CA SER B 243 -1.83 4.83 -0.45
C SER B 243 -2.71 4.91 -1.72
N MET B 244 -3.90 5.41 -1.54
CA MET B 244 -4.77 5.85 -2.64
C MET B 244 -4.92 7.39 -2.54
N LEU B 245 -3.94 8.07 -1.93
CA LEU B 245 -3.95 9.54 -1.84
C LEU B 245 -3.60 10.14 -3.20
N THR B 246 -4.05 11.38 -3.43
CA THR B 246 -3.90 12.01 -4.72
C THR B 246 -3.05 13.28 -4.65
N LYS B 247 -2.67 13.66 -3.43
CA LYS B 247 -1.87 14.86 -3.24
C LYS B 247 -0.93 14.66 -2.06
N LYS B 248 -0.05 15.63 -1.84
CA LYS B 248 0.80 15.68 -0.64
C LYS B 248 0.00 16.01 0.63
N LEU B 249 0.36 15.32 1.70
CA LEU B 249 -0.30 15.45 3.00
C LEU B 249 0.67 15.96 4.09
N HIS B 250 0.36 17.14 4.64
CA HIS B 250 1.08 17.71 5.74
C HIS B 250 0.17 18.05 6.90
N PHE B 251 0.76 18.08 8.09
CA PHE B 251 0.06 18.48 9.31
C PHE B 251 0.77 19.72 9.89
N PHE B 252 0.96 20.75 9.06
CA PHE B 252 1.43 22.05 9.59
C PHE B 252 0.53 22.55 10.74
N PRO B 253 1.11 23.24 11.73
CA PRO B 253 0.37 23.84 12.86
C PRO B 253 -0.76 24.72 12.33
N LYS B 254 -1.95 24.65 12.91
CA LYS B 254 -3.09 25.33 12.34
C LYS B 254 -3.25 26.79 12.84
N VAL C 2 -14.45 1.61 -23.55
CA VAL C 2 -13.64 1.15 -22.49
C VAL C 2 -13.82 -0.32 -22.21
N GLU C 3 -12.78 -1.04 -21.93
CA GLU C 3 -12.81 -2.40 -21.48
C GLU C 3 -12.15 -2.59 -20.13
N ILE C 4 -12.29 -3.74 -19.53
CA ILE C 4 -11.76 -4.00 -18.22
C ILE C 4 -10.86 -5.23 -18.17
N VAL D 2 9.02 -10.61 24.07
CA VAL D 2 8.22 -9.96 23.11
C VAL D 2 7.04 -10.82 22.82
N GLU D 3 5.93 -10.16 22.66
CA GLU D 3 4.79 -10.89 22.19
C GLU D 3 4.20 -10.45 20.88
N ILE D 4 3.15 -11.09 20.43
CA ILE D 4 2.57 -10.94 19.13
C ILE D 4 1.09 -10.71 19.16
#